data_2J16
#
_entry.id   2J16
#
_cell.length_a   77.342
_cell.length_b   77.342
_cell.length_c   152.885
_cell.angle_alpha   90.00
_cell.angle_beta   90.00
_cell.angle_gamma   90.00
#
_symmetry.space_group_name_H-M   'P 41 21 2'
#
loop_
_entity.id
_entity.type
_entity.pdbx_description
1 polymer 'TYROSINE-PROTEIN PHOSPHATASE YIL113W'
2 polymer 'TYROSINE-PROTEIN PHOSPHATASE YIL113W'
3 non-polymer 'MAGNESIUM ION'
4 non-polymer 'SULFATE ION'
5 water water
#
loop_
_entity_poly.entity_id
_entity_poly.type
_entity_poly.pdbx_seq_one_letter_code
_entity_poly.pdbx_strand_id
1 'polypeptide(L)'
;SGQRPSLPMLATDERSTDKESPNEDREFVPCSSLDVRRIYPKGPLLVLPEKIYLYSEPTVKELLPFDVVINVAEEANDLR
MQVPAVEYHHYRWEHDSQIALDLPSLTSIIHAATTKREKILIH(CSD)QCGLSRSATLIIAYIMKYHNLSLRHSYDLLKS
RADKINPSIGLIFQLMEWEVALNAKT
;
A
2 'polypeptide(L)'
;SGQRPSLPMLATDERSTDKESPNEDREFVPCSSLDVRRIYPKGPLLVLPEKIYLYSEPTVKELLPFDVVINVAEEANDLR
MQVPAVEYHHYRWEHDSQIALDLPSLTSIIHAATTKREKILIHCQCGLSRSATLIIAYIMKYHNLSLRHSYDLLKSRADK
INPSIGLIFQLMEWEVALNAKT
;
B
#
# COMPACT_ATOMS: atom_id res chain seq x y z
N TYR A 40 12.71 -18.36 2.86
CA TYR A 40 11.47 -18.41 3.70
C TYR A 40 11.47 -17.32 4.80
N PRO A 41 10.27 -16.77 5.12
CA PRO A 41 9.85 -15.75 6.10
C PRO A 41 10.71 -15.42 7.35
N LYS A 42 10.04 -15.00 8.42
CA LYS A 42 10.61 -14.27 9.57
C LYS A 42 9.45 -13.87 10.51
N GLY A 43 8.41 -14.71 10.53
CA GLY A 43 7.15 -14.36 11.17
C GLY A 43 6.15 -13.85 10.13
N PRO A 44 4.89 -13.65 10.55
CA PRO A 44 3.85 -13.16 9.62
C PRO A 44 4.29 -11.87 8.94
N LEU A 45 4.00 -11.75 7.64
CA LEU A 45 4.47 -10.61 6.86
C LEU A 45 3.36 -9.57 6.61
N LEU A 46 3.60 -8.35 7.07
CA LEU A 46 2.71 -7.23 6.78
C LEU A 46 2.82 -6.91 5.30
N VAL A 47 1.76 -7.19 4.54
CA VAL A 47 1.85 -7.02 3.08
C VAL A 47 1.13 -5.77 2.58
N LEU A 48 0.23 -5.24 3.40
CA LEU A 48 -0.56 -4.07 3.04
C LEU A 48 -0.61 -3.11 4.22
N PRO A 49 -0.69 -1.79 3.95
CA PRO A 49 -0.75 -0.79 5.02
C PRO A 49 -1.94 -0.93 5.97
N GLU A 50 -3.05 -1.49 5.48
CA GLU A 50 -4.25 -1.69 6.31
C GLU A 50 -4.16 -2.93 7.21
N LYS A 51 -2.92 -3.30 7.57
CA LYS A 51 -2.64 -4.36 8.54
C LYS A 51 -3.17 -5.74 8.12
N ILE A 52 -2.86 -6.10 6.87
CA ILE A 52 -3.13 -7.42 6.36
C ILE A 52 -1.81 -8.16 6.32
N TYR A 53 -1.82 -9.36 6.90
CA TYR A 53 -0.63 -10.14 7.06
C TYR A 53 -0.74 -11.45 6.30
N LEU A 54 0.39 -11.86 5.71
CA LEU A 54 0.49 -13.12 5.01
C LEU A 54 1.48 -14.04 5.75
N TYR A 55 1.20 -15.34 5.77
CA TYR A 55 2.05 -16.30 6.47
C TYR A 55 1.71 -17.75 6.05
N SER A 56 2.24 -18.71 6.80
CA SER A 56 2.08 -20.14 6.49
C SER A 56 2.29 -21.04 7.70
N GLU A 57 1.23 -21.73 8.10
CA GLU A 57 1.27 -22.63 9.28
C GLU A 57 1.90 -21.97 10.50
N PRO A 58 1.19 -20.99 11.11
CA PRO A 58 1.72 -20.33 12.30
C PRO A 58 1.63 -21.24 13.53
N THR A 59 2.28 -20.82 14.62
CA THR A 59 2.18 -21.50 15.91
C THR A 59 1.08 -20.81 16.73
N VAL A 60 0.77 -21.38 17.90
CA VAL A 60 -0.15 -20.75 18.84
C VAL A 60 0.38 -19.39 19.28
N LYS A 61 1.70 -19.25 19.37
CA LYS A 61 2.32 -17.99 19.79
C LYS A 61 2.24 -16.93 18.70
N GLU A 62 2.29 -17.38 17.44
CA GLU A 62 2.31 -16.49 16.28
C GLU A 62 0.91 -16.01 15.88
N LEU A 63 -0.13 -16.69 16.38
CA LEU A 63 -1.52 -16.28 16.17
C LEU A 63 -1.99 -15.26 17.21
N LEU A 64 -1.15 -15.01 18.21
CA LEU A 64 -1.49 -14.16 19.36
C LEU A 64 -1.84 -12.70 19.02
N PRO A 65 -1.05 -12.03 18.15
CA PRO A 65 -1.34 -10.62 17.89
C PRO A 65 -2.56 -10.33 17.03
N PHE A 66 -3.21 -11.37 16.50
CA PHE A 66 -4.28 -11.19 15.49
C PHE A 66 -5.70 -11.18 16.02
N ASP A 67 -6.54 -10.39 15.34
CA ASP A 67 -7.95 -10.25 15.71
C ASP A 67 -8.81 -11.11 14.81
N VAL A 68 -8.39 -11.25 13.55
CA VAL A 68 -9.09 -12.08 12.57
C VAL A 68 -8.08 -13.00 11.89
N VAL A 69 -8.45 -14.28 11.77
CA VAL A 69 -7.60 -15.26 11.11
C VAL A 69 -8.36 -15.95 9.98
N ILE A 70 -7.74 -15.98 8.80
CA ILE A 70 -8.27 -16.75 7.68
C ILE A 70 -7.27 -17.86 7.34
N ASN A 71 -7.70 -19.09 7.54
CA ASN A 71 -6.92 -20.27 7.20
C ASN A 71 -7.47 -20.87 5.92
N VAL A 72 -6.64 -20.93 4.88
CA VAL A 72 -7.09 -21.48 3.60
C VAL A 72 -6.40 -22.78 3.22
N ALA A 73 -5.72 -23.39 4.19
CA ALA A 73 -5.06 -24.68 4.01
C ALA A 73 -6.08 -25.79 3.80
N GLU A 74 -5.66 -26.83 3.08
CA GLU A 74 -6.54 -27.91 2.64
C GLU A 74 -7.03 -28.83 3.78
N GLU A 75 -6.25 -28.94 4.86
CA GLU A 75 -6.58 -29.85 5.95
C GLU A 75 -6.09 -29.32 7.31
N ALA A 76 -6.85 -29.63 8.36
CA ALA A 76 -6.44 -29.38 9.74
C ALA A 76 -7.02 -30.42 10.70
N ALA A 85 -10.31 -17.25 18.60
CA ALA A 85 -9.61 -16.13 19.22
C ALA A 85 -8.99 -15.14 18.19
N VAL A 86 -9.73 -14.10 17.79
CA VAL A 86 -11.17 -13.99 18.02
C VAL A 86 -11.82 -14.56 16.76
N GLU A 87 -12.07 -13.69 15.78
CA GLU A 87 -12.76 -14.05 14.54
C GLU A 87 -11.90 -14.99 13.71
N TYR A 88 -12.46 -16.14 13.35
CA TYR A 88 -11.70 -17.22 12.70
C TYR A 88 -12.46 -17.83 11.53
N HIS A 89 -11.78 -18.02 10.40
CA HIS A 89 -12.38 -18.58 9.19
C HIS A 89 -11.48 -19.65 8.58
N HIS A 90 -12.09 -20.75 8.15
CA HIS A 90 -11.36 -21.88 7.58
C HIS A 90 -12.05 -22.34 6.30
N TYR A 91 -11.34 -22.26 5.18
CA TYR A 91 -11.81 -22.78 3.91
C TYR A 91 -10.86 -23.88 3.45
N ARG A 92 -11.43 -25.04 3.10
CA ARG A 92 -10.65 -26.16 2.61
C ARG A 92 -11.07 -26.46 1.19
N TRP A 93 -10.52 -25.73 0.23
CA TRP A 93 -10.75 -26.06 -1.18
C TRP A 93 -9.79 -27.16 -1.60
N GLU A 94 -10.32 -28.29 -2.06
CA GLU A 94 -9.50 -29.37 -2.62
C GLU A 94 -8.98 -28.96 -4.01
N HIS A 95 -9.84 -28.29 -4.77
CA HIS A 95 -9.53 -27.83 -6.13
C HIS A 95 -9.42 -26.30 -6.15
N ASP A 96 -8.51 -25.79 -6.99
CA ASP A 96 -8.33 -24.34 -7.17
C ASP A 96 -9.54 -23.66 -7.80
N SER A 97 -10.23 -24.38 -8.70
CA SER A 97 -11.40 -23.85 -9.41
C SER A 97 -12.54 -23.40 -8.48
N GLN A 98 -12.44 -23.76 -7.21
CA GLN A 98 -13.50 -23.55 -6.23
C GLN A 98 -13.49 -22.18 -5.53
N ILE A 99 -12.33 -21.49 -5.57
CA ILE A 99 -12.14 -20.17 -4.96
C ILE A 99 -13.15 -19.11 -5.43
N ALA A 100 -13.46 -19.10 -6.72
CA ALA A 100 -14.31 -18.05 -7.33
C ALA A 100 -15.63 -17.79 -6.61
N LEU A 101 -16.24 -18.84 -6.09
CA LEU A 101 -17.55 -18.73 -5.44
C LEU A 101 -17.44 -18.09 -4.06
N ASP A 102 -16.25 -18.17 -3.48
CA ASP A 102 -15.98 -17.67 -2.13
C ASP A 102 -15.32 -16.29 -2.10
N LEU A 103 -15.11 -15.70 -3.27
CA LEU A 103 -14.41 -14.41 -3.37
C LEU A 103 -15.21 -13.23 -2.82
N PRO A 104 -16.53 -13.14 -3.11
CA PRO A 104 -17.28 -12.04 -2.50
C PRO A 104 -17.27 -12.10 -0.97
N SER A 105 -17.49 -13.28 -0.41
CA SER A 105 -17.49 -13.47 1.04
C SER A 105 -16.14 -13.20 1.66
N LEU A 106 -15.10 -13.82 1.12
CA LEU A 106 -13.73 -13.70 1.64
C LEU A 106 -13.19 -12.27 1.60
N THR A 107 -13.44 -11.55 0.51
CA THR A 107 -12.95 -10.18 0.37
C THR A 107 -13.76 -9.25 1.25
N SER A 108 -15.03 -9.60 1.44
CA SER A 108 -15.92 -8.93 2.37
C SER A 108 -15.39 -9.05 3.81
N ILE A 109 -14.93 -10.25 4.17
CA ILE A 109 -14.39 -10.52 5.50
C ILE A 109 -13.16 -9.66 5.79
N ILE A 110 -12.21 -9.65 4.85
CA ILE A 110 -10.99 -8.84 4.95
C ILE A 110 -11.30 -7.34 5.09
N HIS A 111 -12.22 -6.85 4.27
CA HIS A 111 -12.62 -5.44 4.29
C HIS A 111 -13.29 -5.06 5.62
N ALA A 112 -14.13 -5.96 6.13
CA ALA A 112 -14.74 -5.76 7.44
C ALA A 112 -13.65 -5.66 8.53
N ALA A 113 -12.54 -6.39 8.34
CA ALA A 113 -11.45 -6.32 9.30
C ALA A 113 -10.81 -4.94 9.30
N THR A 114 -10.51 -4.41 8.11
CA THR A 114 -9.83 -3.12 7.98
C THR A 114 -10.70 -1.97 8.50
N THR A 115 -12.00 -2.06 8.25
CA THR A 115 -12.99 -1.11 8.76
C THR A 115 -12.98 -1.06 10.30
N LYS A 116 -12.80 -2.22 10.93
CA LYS A 116 -12.65 -2.30 12.37
C LYS A 116 -11.22 -1.98 12.82
N ARG A 117 -10.35 -1.59 11.88
CA ARG A 117 -8.94 -1.31 12.16
C ARG A 117 -8.23 -2.47 12.89
N GLU A 118 -8.50 -3.70 12.45
CA GLU A 118 -7.99 -4.91 13.09
C GLU A 118 -6.85 -5.57 12.31
N LYS A 119 -6.01 -6.31 13.04
CA LYS A 119 -4.95 -7.09 12.44
C LYS A 119 -5.51 -8.42 11.91
N ILE A 120 -5.35 -8.62 10.60
CA ILE A 120 -5.89 -9.79 9.92
C ILE A 120 -4.77 -10.64 9.34
N LEU A 121 -4.79 -11.94 9.66
CA LEU A 121 -3.80 -12.87 9.15
C LEU A 121 -4.45 -13.86 8.19
N ILE A 122 -3.86 -13.98 7.00
CA ILE A 122 -4.32 -14.95 6.02
C ILE A 122 -3.18 -15.92 5.75
N HIS A 123 -3.43 -17.21 5.96
CA HIS A 123 -2.38 -18.23 5.80
C HIS A 123 -2.80 -19.55 5.15
N GLN A 125 -0.42 -23.35 3.66
CA GLN A 125 0.81 -24.10 3.86
C GLN A 125 1.08 -24.90 2.59
N CYS A 126 2.20 -24.66 1.92
CA CYS A 126 3.30 -23.83 2.42
C CYS A 126 3.35 -22.33 2.00
N GLY A 127 2.91 -21.93 0.81
CA GLY A 127 2.11 -22.66 -0.18
C GLY A 127 1.67 -21.53 -1.10
N LEU A 128 1.32 -20.40 -0.48
CA LEU A 128 1.31 -19.04 -1.06
C LEU A 128 0.68 -18.81 -2.45
N SER A 129 -0.32 -19.63 -2.79
CA SER A 129 -1.03 -19.44 -4.04
C SER A 129 -2.42 -18.88 -3.78
N ARG A 130 -3.17 -19.61 -2.96
CA ARG A 130 -4.57 -19.31 -2.68
C ARG A 130 -4.71 -18.08 -1.81
N SER A 131 -3.82 -17.96 -0.83
CA SER A 131 -3.83 -16.80 0.06
C SER A 131 -3.42 -15.51 -0.66
N ALA A 132 -2.47 -15.61 -1.58
CA ALA A 132 -2.05 -14.48 -2.40
C ALA A 132 -3.18 -14.06 -3.33
N THR A 133 -3.81 -15.05 -3.95
CA THR A 133 -4.98 -14.85 -4.81
C THR A 133 -6.06 -14.11 -4.06
N LEU A 134 -6.28 -14.53 -2.82
CA LEU A 134 -7.31 -13.95 -1.97
C LEU A 134 -7.00 -12.49 -1.68
N ILE A 135 -5.75 -12.19 -1.33
CA ILE A 135 -5.32 -10.83 -1.02
C ILE A 135 -5.43 -9.94 -2.25
N ILE A 136 -5.05 -10.49 -3.41
CA ILE A 136 -5.13 -9.79 -4.67
C ILE A 136 -6.58 -9.48 -5.02
N ALA A 137 -7.46 -10.49 -4.88
CA ALA A 137 -8.89 -10.27 -5.11
C ALA A 137 -9.44 -9.14 -4.24
N TYR A 138 -8.96 -9.05 -2.99
CA TYR A 138 -9.34 -7.97 -2.07
C TYR A 138 -8.91 -6.59 -2.56
N ILE A 139 -7.66 -6.49 -3.02
CA ILE A 139 -7.11 -5.23 -3.51
C ILE A 139 -7.84 -4.77 -4.77
N MET A 140 -8.08 -5.71 -5.67
CA MET A 140 -8.79 -5.43 -6.90
C MET A 140 -10.13 -4.79 -6.61
N LYS A 141 -10.91 -5.41 -5.73
CA LYS A 141 -12.27 -4.94 -5.44
C LYS A 141 -12.32 -3.65 -4.60
N TYR A 142 -11.61 -3.63 -3.46
CA TYR A 142 -11.78 -2.55 -2.49
C TYR A 142 -10.90 -1.32 -2.68
N HIS A 143 -9.95 -1.43 -3.61
CA HIS A 143 -9.10 -0.31 -3.98
C HIS A 143 -9.26 -0.03 -5.47
N ASN A 144 -10.28 -0.64 -6.06
CA ASN A 144 -10.58 -0.50 -7.49
C ASN A 144 -9.33 -0.40 -8.35
N LEU A 145 -8.49 -1.43 -8.27
CA LEU A 145 -7.25 -1.51 -9.07
C LEU A 145 -7.28 -2.70 -9.99
N SER A 146 -6.53 -2.62 -11.08
CA SER A 146 -6.47 -3.68 -12.05
C SER A 146 -5.77 -4.91 -11.47
N LEU A 147 -5.91 -6.04 -12.14
CA LEU A 147 -5.24 -7.27 -11.73
C LEU A 147 -3.72 -7.09 -11.72
N ARG A 148 -3.20 -6.44 -12.77
CA ARG A 148 -1.77 -6.20 -12.90
C ARG A 148 -1.21 -5.43 -11.71
N HIS A 149 -1.88 -4.32 -11.37
CA HIS A 149 -1.42 -3.46 -10.28
C HIS A 149 -1.49 -4.16 -8.93
N SER A 150 -2.61 -4.84 -8.68
CA SER A 150 -2.80 -5.60 -7.45
C SER A 150 -1.74 -6.69 -7.26
N TYR A 151 -1.54 -7.50 -8.29
CA TYR A 151 -0.47 -8.49 -8.29
C TYR A 151 0.90 -7.84 -8.05
N ASP A 152 1.18 -6.77 -8.77
CA ASP A 152 2.45 -6.08 -8.65
C ASP A 152 2.70 -5.55 -7.25
N LEU A 153 1.65 -5.01 -6.62
CA LEU A 153 1.78 -4.47 -5.27
C LEU A 153 2.15 -5.57 -4.31
N LEU A 154 1.43 -6.69 -4.36
CA LEU A 154 1.68 -7.80 -3.48
C LEU A 154 3.04 -8.44 -3.77
N LYS A 155 3.33 -8.64 -5.05
CA LYS A 155 4.60 -9.21 -5.50
C LYS A 155 5.80 -8.45 -4.93
N SER A 156 5.76 -7.12 -5.05
CA SER A 156 6.84 -6.25 -4.56
C SER A 156 7.15 -6.41 -3.08
N ARG A 157 6.14 -6.81 -2.32
CA ARG A 157 6.25 -6.93 -0.87
C ARG A 157 6.50 -8.39 -0.45
N ALA A 158 5.83 -9.31 -1.12
CA ALA A 158 6.04 -10.74 -0.88
C ALA A 158 6.54 -11.40 -2.17
N ASP A 159 7.86 -11.31 -2.37
CA ASP A 159 8.52 -11.80 -3.59
C ASP A 159 8.25 -13.27 -3.95
N LYS A 160 8.03 -14.10 -2.93
CA LYS A 160 7.94 -15.54 -3.13
C LYS A 160 6.58 -16.07 -3.62
N ILE A 161 5.59 -15.19 -3.75
CA ILE A 161 4.24 -15.65 -4.13
C ILE A 161 4.19 -16.15 -5.57
N ASN A 162 3.51 -17.27 -5.76
CA ASN A 162 3.08 -17.63 -7.12
C ASN A 162 1.76 -18.38 -7.16
N PRO A 163 0.67 -17.64 -7.39
CA PRO A 163 -0.61 -18.30 -7.67
C PRO A 163 -0.49 -19.06 -8.98
N SER A 164 -1.28 -20.11 -9.11
CA SER A 164 -1.29 -20.90 -10.33
C SER A 164 -1.96 -20.10 -11.44
N ILE A 165 -1.76 -20.55 -12.68
CA ILE A 165 -2.39 -19.93 -13.84
C ILE A 165 -3.90 -20.07 -13.72
N GLY A 166 -4.34 -21.17 -13.12
CA GLY A 166 -5.74 -21.38 -12.80
C GLY A 166 -6.28 -20.27 -11.94
N LEU A 167 -5.55 -19.90 -10.88
CA LEU A 167 -5.96 -18.83 -9.98
C LEU A 167 -5.88 -17.44 -10.62
N ILE A 168 -4.91 -17.24 -11.50
CA ILE A 168 -4.79 -15.98 -12.24
C ILE A 168 -6.00 -15.78 -13.16
N PHE A 169 -6.40 -16.84 -13.88
CA PHE A 169 -7.61 -16.81 -14.71
C PHE A 169 -8.86 -16.56 -13.87
N GLN A 170 -8.85 -17.11 -12.66
CA GLN A 170 -9.90 -16.85 -11.69
C GLN A 170 -10.00 -15.36 -11.35
N LEU A 171 -8.84 -14.72 -11.21
CA LEU A 171 -8.76 -13.30 -10.91
C LEU A 171 -9.18 -12.45 -12.10
N MET A 172 -8.92 -12.93 -13.32
CA MET A 172 -9.39 -12.28 -14.55
C MET A 172 -10.91 -12.28 -14.59
N GLU A 173 -11.49 -13.44 -14.29
CA GLU A 173 -12.93 -13.62 -14.17
C GLU A 173 -13.52 -12.64 -13.14
N TRP A 174 -12.89 -12.57 -11.97
CA TRP A 174 -13.23 -11.64 -10.90
C TRP A 174 -13.23 -10.16 -11.35
N GLU A 175 -12.25 -9.79 -12.18
CA GLU A 175 -12.18 -8.42 -12.70
C GLU A 175 -13.38 -8.06 -13.57
N VAL A 176 -13.78 -8.99 -14.44
CA VAL A 176 -14.93 -8.80 -15.32
C VAL A 176 -16.19 -8.60 -14.48
N ALA A 177 -16.33 -9.41 -13.43
CA ALA A 177 -17.45 -9.32 -12.49
C ALA A 177 -17.46 -8.00 -11.71
N LEU A 178 -16.30 -7.37 -11.58
CA LEU A 178 -16.19 -6.09 -10.88
C LEU A 178 -16.56 -4.90 -11.78
N ASN A 179 -16.30 -5.04 -13.08
CA ASN A 179 -16.51 -3.96 -14.04
C ASN A 179 -17.91 -3.94 -14.67
N ALA A 180 -18.64 -5.04 -14.51
CA ALA A 180 -20.00 -5.18 -15.05
C ALA A 180 -21.04 -4.38 -14.23
N LYS A 181 -20.76 -3.90 -13.13
N ARG B 38 18.03 8.77 -14.25
CA ARG B 38 16.69 8.12 -14.37
C ARG B 38 16.55 6.93 -13.42
N ILE B 39 15.98 7.20 -12.25
CA ILE B 39 15.77 6.20 -11.20
C ILE B 39 14.42 5.47 -11.36
N TYR B 40 13.41 6.18 -11.87
CA TYR B 40 12.13 5.54 -12.21
C TYR B 40 11.97 5.52 -13.72
N PRO B 41 12.33 4.39 -14.36
CA PRO B 41 12.34 4.28 -15.83
C PRO B 41 10.94 4.31 -16.45
N LYS B 42 10.01 3.51 -15.92
CA LYS B 42 8.63 3.46 -16.41
C LYS B 42 7.83 4.73 -16.06
N GLY B 43 8.44 5.62 -15.29
CA GLY B 43 7.80 6.85 -14.86
C GLY B 43 7.25 6.76 -13.45
N PRO B 44 6.27 7.61 -13.11
CA PRO B 44 5.66 7.60 -11.76
C PRO B 44 5.27 6.20 -11.30
N LEU B 45 5.68 5.85 -10.08
CA LEU B 45 5.50 4.51 -9.54
C LEU B 45 4.30 4.41 -8.58
N LEU B 46 3.37 3.51 -8.88
CA LEU B 46 2.30 3.20 -7.94
C LEU B 46 2.95 2.57 -6.71
N VAL B 47 2.66 3.17 -5.56
CA VAL B 47 3.41 2.90 -4.35
C VAL B 47 2.51 2.35 -3.24
N LEU B 48 1.25 2.78 -3.23
CA LEU B 48 0.25 2.36 -2.25
C LEU B 48 -1.07 2.04 -2.94
N PRO B 49 -1.79 1.01 -2.43
CA PRO B 49 -3.04 0.61 -3.06
C PRO B 49 -4.05 1.75 -3.26
N GLU B 50 -4.03 2.74 -2.39
CA GLU B 50 -4.93 3.90 -2.49
C GLU B 50 -4.51 4.92 -3.58
N LYS B 51 -3.88 4.42 -4.64
CA LYS B 51 -3.50 5.23 -5.80
C LYS B 51 -2.59 6.43 -5.50
N ILE B 52 -1.58 6.20 -4.66
CA ILE B 52 -0.53 7.18 -4.42
C ILE B 52 0.72 6.78 -5.19
N TYR B 53 1.28 7.74 -5.90
CA TYR B 53 2.43 7.52 -6.76
C TYR B 53 3.61 8.34 -6.28
N LEU B 54 4.81 7.87 -6.64
CA LEU B 54 6.05 8.54 -6.30
C LEU B 54 6.90 8.74 -7.56
N TYR B 55 7.44 9.94 -7.72
CA TYR B 55 8.32 10.20 -8.86
C TYR B 55 9.42 11.19 -8.48
N SER B 56 10.40 11.35 -9.37
CA SER B 56 11.37 12.43 -9.32
C SER B 56 10.72 13.67 -9.95
N GLU B 57 11.52 14.61 -10.46
CA GLU B 57 10.95 15.78 -11.12
C GLU B 57 10.27 15.40 -12.43
N PRO B 58 8.95 15.69 -12.55
CA PRO B 58 8.16 15.35 -13.73
C PRO B 58 8.13 16.44 -14.81
N THR B 59 7.73 16.06 -16.01
CA THR B 59 7.41 17.02 -17.07
C THR B 59 5.93 17.34 -16.97
N VAL B 60 5.47 18.31 -17.77
CA VAL B 60 4.06 18.68 -17.83
C VAL B 60 3.22 17.48 -18.28
N LYS B 61 3.67 16.80 -19.33
CA LYS B 61 2.96 15.65 -19.88
C LYS B 61 2.83 14.53 -18.86
N GLU B 62 3.85 14.40 -18.00
CA GLU B 62 3.86 13.35 -16.98
C GLU B 62 2.83 13.59 -15.88
N LEU B 63 2.35 14.82 -15.76
CA LEU B 63 1.35 15.18 -14.76
C LEU B 63 -0.10 14.96 -15.21
N LEU B 64 -0.29 14.81 -16.52
CA LEU B 64 -1.61 14.60 -17.14
C LEU B 64 -2.58 13.66 -16.40
N PRO B 65 -2.11 12.44 -16.05
CA PRO B 65 -3.02 11.45 -15.45
C PRO B 65 -3.51 11.74 -14.02
N PHE B 66 -2.98 12.79 -13.38
CA PHE B 66 -3.20 13.00 -11.95
C PHE B 66 -4.21 14.09 -11.60
N ASP B 67 -4.97 13.85 -10.53
CA ASP B 67 -5.90 14.82 -9.99
C ASP B 67 -5.22 15.76 -8.99
N VAL B 68 -4.42 15.18 -8.10
CA VAL B 68 -3.67 15.96 -7.10
C VAL B 68 -2.18 15.72 -7.34
N VAL B 69 -1.39 16.79 -7.24
CA VAL B 69 0.06 16.70 -7.35
C VAL B 69 0.70 17.50 -6.22
N ILE B 70 1.55 16.82 -5.45
CA ILE B 70 2.26 17.47 -4.36
C ILE B 70 3.76 17.54 -4.64
N ASN B 71 4.23 18.75 -4.86
CA ASN B 71 5.63 19.04 -5.16
C ASN B 71 6.28 19.42 -3.84
N VAL B 72 7.15 18.55 -3.33
CA VAL B 72 7.78 18.80 -2.02
C VAL B 72 9.24 19.24 -2.12
N ALA B 73 9.61 19.82 -3.26
CA ALA B 73 10.96 20.29 -3.48
C ALA B 73 11.00 21.77 -3.86
N GLU B 74 11.66 22.57 -3.02
CA GLU B 74 11.90 23.99 -3.27
C GLU B 74 12.44 24.25 -4.68
N GLU B 75 13.44 23.45 -5.08
CA GLU B 75 14.19 23.68 -6.31
C GLU B 75 13.56 23.03 -7.54
N ALA B 76 12.42 22.36 -7.35
CA ALA B 76 11.66 21.80 -8.47
C ALA B 76 10.65 22.83 -8.99
N ASN B 77 10.67 23.03 -10.31
CA ASN B 77 9.83 24.04 -10.97
C ASN B 77 8.35 23.92 -10.63
N ASP B 78 7.72 25.03 -10.30
CA ASP B 78 6.29 25.05 -9.99
C ASP B 78 5.49 25.06 -11.29
N LEU B 79 4.62 24.07 -11.43
CA LEU B 79 3.96 23.80 -12.69
C LEU B 79 2.43 23.96 -12.65
N ARG B 80 1.90 24.49 -11.56
CA ARG B 80 0.45 24.65 -11.41
C ARG B 80 -0.23 25.35 -12.59
N MET B 81 0.45 26.33 -13.18
CA MET B 81 -0.08 27.13 -14.29
C MET B 81 -0.13 26.36 -15.60
N GLN B 82 0.76 25.39 -15.75
CA GLN B 82 0.79 24.56 -16.94
C GLN B 82 -0.19 23.38 -16.84
N VAL B 83 -0.77 23.17 -15.65
CA VAL B 83 -1.77 22.13 -15.44
C VAL B 83 -2.97 22.60 -14.58
N PRO B 84 -3.88 23.41 -15.18
CA PRO B 84 -5.06 23.90 -14.46
C PRO B 84 -6.02 22.82 -13.98
N ALA B 85 -6.10 21.70 -14.70
CA ALA B 85 -7.01 20.60 -14.33
C ALA B 85 -6.63 19.93 -13.00
N VAL B 86 -5.35 19.96 -12.65
CA VAL B 86 -4.87 19.31 -11.42
C VAL B 86 -4.76 20.27 -10.24
N GLU B 87 -5.11 19.76 -9.06
CA GLU B 87 -4.96 20.46 -7.80
C GLU B 87 -3.52 20.35 -7.35
N TYR B 88 -2.76 21.42 -7.59
CA TYR B 88 -1.31 21.42 -7.44
C TYR B 88 -0.86 22.09 -6.14
N HIS B 89 0.00 21.40 -5.40
CA HIS B 89 0.56 21.93 -4.17
C HIS B 89 2.08 21.99 -4.29
N HIS B 90 2.67 23.03 -3.72
CA HIS B 90 4.12 23.16 -3.69
C HIS B 90 4.60 23.52 -2.29
N TYR B 91 5.21 22.55 -1.61
CA TYR B 91 5.87 22.80 -0.34
C TYR B 91 7.37 22.88 -0.57
N ARG B 92 7.99 23.94 -0.10
CA ARG B 92 9.37 24.23 -0.45
C ARG B 92 10.33 23.68 0.59
N TRP B 93 10.42 22.35 0.62
CA TRP B 93 11.32 21.66 1.51
C TRP B 93 12.72 21.63 0.93
N GLU B 94 13.68 22.18 1.67
CA GLU B 94 15.10 22.02 1.38
C GLU B 94 15.56 20.77 2.11
N HIS B 95 16.77 20.31 1.78
CA HIS B 95 17.37 19.11 2.39
C HIS B 95 17.23 19.03 3.93
N ASP B 96 17.28 20.19 4.59
CA ASP B 96 17.34 20.27 6.06
C ASP B 96 16.15 20.98 6.75
N SER B 97 15.04 21.14 6.03
CA SER B 97 13.87 21.87 6.54
C SER B 97 13.26 21.23 7.79
N GLN B 98 12.53 22.03 8.57
CA GLN B 98 11.75 21.50 9.69
C GLN B 98 10.31 21.29 9.23
N ILE B 99 9.95 20.01 9.05
CA ILE B 99 8.71 19.63 8.40
C ILE B 99 7.56 19.41 9.39
N ALA B 100 7.84 19.52 10.67
CA ALA B 100 6.87 19.24 11.74
C ALA B 100 5.54 19.96 11.57
N LEU B 101 5.59 21.19 11.04
CA LEU B 101 4.40 22.04 10.91
C LEU B 101 3.63 21.73 9.63
N ASP B 102 4.35 21.29 8.60
CA ASP B 102 3.74 20.98 7.32
C ASP B 102 2.99 19.64 7.34
N LEU B 103 3.47 18.70 8.14
CA LEU B 103 2.98 17.33 8.09
C LEU B 103 1.47 17.13 8.23
N PRO B 104 0.82 17.76 9.24
CA PRO B 104 -0.63 17.57 9.37
C PRO B 104 -1.43 18.09 8.17
N SER B 105 -1.04 19.25 7.63
CA SER B 105 -1.73 19.85 6.48
C SER B 105 -1.53 18.99 5.24
N LEU B 106 -0.31 18.49 5.06
CA LEU B 106 0.05 17.70 3.88
C LEU B 106 -0.56 16.30 3.92
N THR B 107 -0.48 15.64 5.07
CA THR B 107 -1.05 14.31 5.21
C THR B 107 -2.57 14.35 5.07
N SER B 108 -3.17 15.51 5.29
CA SER B 108 -4.61 15.69 5.14
C SER B 108 -5.00 15.87 3.69
N ILE B 109 -4.15 16.58 2.94
CA ILE B 109 -4.36 16.76 1.52
C ILE B 109 -4.41 15.40 0.83
N ILE B 110 -3.51 14.50 1.25
CA ILE B 110 -3.43 13.14 0.74
C ILE B 110 -4.65 12.31 1.17
N HIS B 111 -4.95 12.30 2.47
CA HIS B 111 -6.12 11.55 2.97
C HIS B 111 -7.44 11.99 2.32
N ALA B 112 -7.62 13.30 2.16
CA ALA B 112 -8.83 13.84 1.53
C ALA B 112 -8.95 13.34 0.10
N ALA B 113 -7.82 13.32 -0.60
CA ALA B 113 -7.76 12.85 -1.98
C ALA B 113 -8.11 11.37 -2.12
N THR B 114 -7.66 10.55 -1.17
CA THR B 114 -7.95 9.10 -1.17
C THR B 114 -9.43 8.83 -0.88
N THR B 115 -10.03 9.68 -0.04
CA THR B 115 -11.47 9.63 0.24
C THR B 115 -12.29 9.89 -1.04
N LYS B 116 -11.80 10.81 -1.88
CA LYS B 116 -12.45 11.14 -3.14
C LYS B 116 -11.98 10.20 -4.27
N ARG B 117 -11.22 9.18 -3.90
CA ARG B 117 -10.72 8.15 -4.83
C ARG B 117 -9.87 8.73 -5.96
N GLU B 118 -9.08 9.75 -5.64
CA GLU B 118 -8.28 10.46 -6.64
C GLU B 118 -6.88 9.91 -6.82
N LYS B 119 -6.31 10.13 -8.00
CA LYS B 119 -4.93 9.76 -8.30
C LYS B 119 -3.97 10.85 -7.82
N ILE B 120 -3.06 10.48 -6.92
CA ILE B 120 -2.19 11.44 -6.24
C ILE B 120 -0.72 11.20 -6.62
N LEU B 121 -0.05 12.27 -7.04
CA LEU B 121 1.41 12.20 -7.23
C LEU B 121 2.13 12.94 -6.12
N ILE B 122 3.17 12.30 -5.59
CA ILE B 122 4.10 12.96 -4.69
C ILE B 122 5.46 12.88 -5.36
N HIS B 123 6.13 14.02 -5.48
CA HIS B 123 7.43 14.08 -6.13
C HIS B 123 8.33 15.14 -5.52
N CYS B 124 9.63 14.92 -5.62
CA CYS B 124 10.64 15.90 -5.21
C CYS B 124 11.47 16.26 -6.45
N GLN B 125 12.79 16.32 -6.30
CA GLN B 125 13.68 16.53 -7.44
C GLN B 125 14.26 15.22 -7.97
N CYS B 126 14.94 14.47 -7.11
CA CYS B 126 15.66 13.25 -7.51
C CYS B 126 14.90 11.94 -7.23
N GLY B 127 13.96 11.95 -6.30
CA GLY B 127 13.09 10.81 -6.05
C GLY B 127 13.54 9.94 -4.88
N LEU B 128 14.36 10.52 -4.01
CA LEU B 128 15.01 9.72 -2.96
C LEU B 128 14.58 10.05 -1.54
N SER B 129 14.44 11.34 -1.23
CA SER B 129 14.43 11.77 0.16
C SER B 129 13.14 12.40 0.67
N ARG B 130 12.73 13.52 0.06
CA ARG B 130 11.61 14.32 0.59
C ARG B 130 10.24 13.69 0.35
N SER B 131 10.00 13.18 -0.85
CA SER B 131 8.69 12.61 -1.14
C SER B 131 8.44 11.29 -0.41
N ALA B 132 9.51 10.51 -0.24
CA ALA B 132 9.45 9.27 0.58
C ALA B 132 9.06 9.60 2.01
N THR B 133 9.66 10.67 2.55
CA THR B 133 9.36 11.16 3.89
C THR B 133 7.90 11.53 4.08
N LEU B 134 7.34 12.28 3.14
CA LEU B 134 5.92 12.66 3.23
C LEU B 134 5.00 11.44 3.20
N ILE B 135 5.28 10.52 2.29
CA ILE B 135 4.48 9.31 2.11
C ILE B 135 4.58 8.41 3.35
N ILE B 136 5.79 8.27 3.89
CA ILE B 136 5.99 7.53 5.14
C ILE B 136 5.18 8.18 6.26
N ALA B 137 5.15 9.52 6.29
CA ALA B 137 4.43 10.25 7.33
C ALA B 137 2.93 10.02 7.18
N TYR B 138 2.47 9.98 5.93
CA TYR B 138 1.09 9.66 5.62
C TYR B 138 0.71 8.27 6.13
N ILE B 139 1.48 7.25 5.75
CA ILE B 139 1.22 5.88 6.21
C ILE B 139 1.19 5.83 7.74
N MET B 140 2.09 6.56 8.37
CA MET B 140 2.19 6.56 9.84
C MET B 140 0.88 6.99 10.53
N LYS B 141 0.32 8.12 10.11
CA LYS B 141 -0.89 8.63 10.72
C LYS B 141 -2.13 7.86 10.28
N TYR B 142 -2.32 7.73 8.97
CA TYR B 142 -3.59 7.26 8.43
C TYR B 142 -3.79 5.75 8.39
N HIS B 143 -2.73 5.00 8.70
CA HIS B 143 -2.81 3.55 8.85
C HIS B 143 -2.33 3.13 10.23
N ASN B 144 -2.01 4.12 11.07
CA ASN B 144 -1.59 3.93 12.45
C ASN B 144 -0.45 2.90 12.56
N LEU B 145 0.59 3.13 11.79
CA LEU B 145 1.77 2.25 11.75
C LEU B 145 3.01 2.99 12.22
N SER B 146 3.97 2.25 12.78
CA SER B 146 5.21 2.83 13.27
C SER B 146 6.04 3.32 12.10
N LEU B 147 7.08 4.10 12.41
CA LEU B 147 8.05 4.54 11.41
C LEU B 147 8.67 3.33 10.70
N ARG B 148 9.09 2.33 11.49
CA ARG B 148 9.72 1.13 10.97
C ARG B 148 8.85 0.43 9.92
N HIS B 149 7.63 0.06 10.29
CA HIS B 149 6.72 -0.64 9.37
C HIS B 149 6.41 0.19 8.12
N SER B 150 6.16 1.48 8.32
CA SER B 150 5.86 2.40 7.21
C SER B 150 7.03 2.50 6.24
N TYR B 151 8.23 2.74 6.77
CA TYR B 151 9.44 2.72 5.96
C TYR B 151 9.59 1.39 5.23
N ASP B 152 9.40 0.29 5.94
CA ASP B 152 9.54 -1.04 5.36
C ASP B 152 8.62 -1.28 4.17
N LEU B 153 7.35 -0.89 4.32
CA LEU B 153 6.38 -1.03 3.24
C LEU B 153 6.80 -0.23 2.01
N LEU B 154 7.19 1.03 2.20
CA LEU B 154 7.58 1.88 1.08
C LEU B 154 8.85 1.38 0.43
N LYS B 155 9.82 1.00 1.26
CA LYS B 155 11.11 0.47 0.78
C LYS B 155 10.93 -0.75 -0.11
N SER B 156 10.01 -1.64 0.26
CA SER B 156 9.80 -2.88 -0.51
C SER B 156 9.33 -2.59 -1.93
N ARG B 157 8.53 -1.54 -2.07
CA ARG B 157 7.96 -1.19 -3.35
C ARG B 157 8.89 -0.25 -4.12
N ALA B 158 9.40 0.78 -3.44
CA ALA B 158 10.36 1.71 -4.01
C ALA B 158 11.73 1.50 -3.38
N ASP B 159 12.56 0.70 -4.04
CA ASP B 159 13.81 0.20 -3.46
C ASP B 159 14.92 1.24 -3.31
N LYS B 160 14.85 2.31 -4.11
CA LYS B 160 15.90 3.34 -4.08
C LYS B 160 15.67 4.47 -3.07
N ILE B 161 14.57 4.42 -2.30
CA ILE B 161 14.30 5.48 -1.32
C ILE B 161 15.41 5.60 -0.28
N ASN B 162 15.72 6.84 0.09
CA ASN B 162 16.83 7.15 0.97
C ASN B 162 16.63 8.53 1.60
N PRO B 163 15.63 8.65 2.49
CA PRO B 163 15.48 9.91 3.20
C PRO B 163 16.72 10.22 4.02
N SER B 164 17.16 11.47 3.99
CA SER B 164 18.29 11.90 4.81
C SER B 164 18.02 11.59 6.29
N ILE B 165 19.09 11.30 7.03
CA ILE B 165 19.00 11.04 8.46
C ILE B 165 18.29 12.17 9.19
N GLY B 166 18.57 13.40 8.77
CA GLY B 166 17.89 14.57 9.32
C GLY B 166 16.37 14.43 9.24
N LEU B 167 15.91 13.89 8.11
CA LEU B 167 14.47 13.73 7.86
C LEU B 167 13.85 12.57 8.62
N ILE B 168 14.59 11.48 8.77
CA ILE B 168 14.17 10.34 9.59
C ILE B 168 14.04 10.69 11.08
N PHE B 169 14.93 11.55 11.57
CA PHE B 169 14.81 12.06 12.93
C PHE B 169 13.51 12.84 13.13
N GLN B 170 13.10 13.57 12.09
CA GLN B 170 11.85 14.32 12.13
C GLN B 170 10.63 13.39 12.04
N LEU B 171 10.80 12.25 11.39
CA LEU B 171 9.73 11.25 11.36
C LEU B 171 9.50 10.62 12.73
N MET B 172 10.57 10.44 13.49
CA MET B 172 10.48 10.00 14.88
C MET B 172 9.71 11.00 15.75
N GLU B 173 9.96 12.30 15.51
CA GLU B 173 9.20 13.37 16.15
C GLU B 173 7.72 13.27 15.80
N TRP B 174 7.44 12.98 14.54
CA TRP B 174 6.07 12.77 14.06
C TRP B 174 5.43 11.58 14.78
N GLU B 175 6.22 10.54 15.03
CA GLU B 175 5.72 9.36 15.73
C GLU B 175 5.38 9.65 17.19
N VAL B 176 6.21 10.47 17.83
CA VAL B 176 5.96 10.92 19.20
C VAL B 176 4.67 11.74 19.26
N ALA B 177 4.51 12.63 18.29
CA ALA B 177 3.31 13.45 18.13
C ALA B 177 2.02 12.62 17.96
N LEU B 178 2.07 11.63 17.07
CA LEU B 178 0.88 10.81 16.79
C LEU B 178 0.46 9.94 17.97
N ASN B 179 1.43 9.54 18.79
CA ASN B 179 1.17 8.74 20.00
C ASN B 179 0.94 9.60 21.26
N ALA B 180 1.15 10.91 21.13
CA ALA B 180 1.01 11.86 22.25
C ALA B 180 -0.43 12.06 22.71
N LYS B 181 -1.38 11.53 22.13
#